data_5N5Q
#
_entry.id   5N5Q
#
_cell.length_a   42.730
_cell.length_b   81.810
_cell.length_c   69.460
_cell.angle_alpha   90.00
_cell.angle_beta   90.00
_cell.angle_gamma   90.00
#
_symmetry.space_group_name_H-M   'P 21 21 2'
#
loop_
_entity.id
_entity.type
_entity.pdbx_description
1 polymer Transthyretin
2 non-polymer 'ACETATE ION'
3 non-polymer [bis(oxidanyl)-[tetrakis(oxidanyl)ferriooxy]ferrio]oxy-pentakis(oxidanyl)iron
4 non-polymer 'FE (III) ION'
5 water water
#
_entity_poly.entity_id   1
_entity_poly.type   'polypeptide(L)'
_entity_poly.pdbx_seq_one_letter_code
;CPLMVKVLDAVRGSPAINVAVHVFRKAADDTWEPFASGKTSESGELHGLTTEEEFVEGIYKVEIDTKSYWKALGISPFHE
HAEVVFTANDSGPRRYTIAALLSPYSYSTTAVVTNP
;
_entity_poly.pdbx_strand_id   A,B
#
# COMPACT_ATOMS: atom_id res chain seq x y z
N CYS A 1 4.47 16.66 -19.27
CA CYS A 1 4.10 16.29 -17.87
C CYS A 1 4.67 14.89 -17.53
N PRO A 2 5.68 14.83 -16.65
CA PRO A 2 6.40 13.59 -16.35
C PRO A 2 5.84 12.71 -15.23
N LEU A 3 4.88 13.22 -14.45
CA LEU A 3 4.29 12.45 -13.37
C LEU A 3 2.80 12.65 -13.30
N MET A 4 2.08 11.58 -13.64
CA MET A 4 0.64 11.50 -13.60
C MET A 4 0.21 10.54 -12.52
N VAL A 5 -0.91 10.86 -11.87
CA VAL A 5 -1.56 9.96 -10.92
C VAL A 5 -3.05 9.89 -11.29
N LYS A 6 -3.52 8.68 -11.55
CA LYS A 6 -4.87 8.40 -11.99
C LYS A 6 -5.51 7.49 -10.93
N VAL A 7 -6.75 7.74 -10.54
CA VAL A 7 -7.41 6.97 -9.50
C VAL A 7 -8.86 6.64 -9.87
N LEU A 8 -9.23 5.36 -9.78
CA LEU A 8 -10.54 4.87 -10.15
C LEU A 8 -11.29 4.27 -8.97
N ASP A 9 -12.62 4.39 -8.97
CA ASP A 9 -13.50 3.83 -7.94
C ASP A 9 -14.20 2.56 -8.53
N ALA A 10 -13.85 1.39 -8.00
CA ALA A 10 -14.40 0.11 -8.48
C ALA A 10 -15.83 -0.18 -8.09
N VAL A 11 -16.32 0.50 -7.05
CA VAL A 11 -17.67 0.30 -6.53
C VAL A 11 -18.64 1.04 -7.44
N ARG A 12 -18.30 2.29 -7.74
CA ARG A 12 -19.18 3.20 -8.45
C ARG A 12 -18.92 3.28 -9.96
N GLY A 13 -17.86 2.63 -10.43
CA GLY A 13 -17.53 2.58 -11.86
C GLY A 13 -17.21 3.93 -12.46
N SER A 14 -16.33 4.66 -11.78
CA SER A 14 -16.04 6.06 -12.11
C SER A 14 -14.66 6.49 -11.64
N PRO A 15 -14.15 7.61 -12.20
CA PRO A 15 -12.96 8.24 -11.60
C PRO A 15 -13.20 8.66 -10.15
N ALA A 16 -12.18 8.53 -9.32
CA ALA A 16 -12.21 9.09 -7.96
C ALA A 16 -11.89 10.59 -8.05
N ILE A 17 -12.80 11.43 -7.55
CA ILE A 17 -12.76 12.87 -7.78
C ILE A 17 -12.50 13.54 -6.44
N ASN A 18 -11.63 14.55 -6.44
CA ASN A 18 -11.27 15.33 -5.23
C ASN A 18 -10.45 14.59 -4.17
N VAL A 19 -9.92 13.43 -4.53
CA VAL A 19 -9.10 12.66 -3.61
C VAL A 19 -7.76 13.36 -3.47
N ALA A 20 -7.32 13.52 -2.23
CA ALA A 20 -6.03 14.14 -1.98
C ALA A 20 -4.88 13.13 -2.18
N VAL A 21 -3.82 13.63 -2.77
CA VAL A 21 -2.69 12.82 -3.10
C VAL A 21 -1.47 13.58 -2.67
N HIS A 22 -0.65 12.93 -1.88
CA HIS A 22 0.62 13.48 -1.42
C HIS A 22 1.77 12.64 -1.95
N VAL A 23 2.76 13.29 -2.54
CA VAL A 23 3.95 12.64 -3.06
C VAL A 23 5.12 13.11 -2.21
N PHE A 24 5.87 12.15 -1.67
CA PHE A 24 7.13 12.39 -0.92
C PHE A 24 8.31 11.79 -1.67
N ARG A 25 9.50 12.30 -1.32
CA ARG A 25 10.74 11.86 -1.91
C ARG A 25 11.69 11.47 -0.81
N LYS A 26 12.45 10.39 -1.01
CA LYS A 26 13.37 9.88 0.02
C LYS A 26 14.67 10.73 0.03
N ALA A 27 14.95 11.34 1.19
CA ALA A 27 16.04 12.30 1.37
C ALA A 27 17.31 11.66 1.95
N ALA A 28 18.41 12.44 1.95
CA ALA A 28 19.77 11.94 2.22
C ALA A 28 19.97 11.25 3.56
N ASP A 29 19.11 11.56 4.54
CA ASP A 29 19.11 10.90 5.85
C ASP A 29 18.03 9.80 5.97
N ASP A 30 17.72 9.16 4.84
CA ASP A 30 16.67 8.14 4.76
C ASP A 30 15.35 8.54 5.45
N THR A 31 14.94 9.80 5.30
CA THR A 31 13.58 10.23 5.66
C THR A 31 12.85 10.63 4.38
N TRP A 32 11.53 10.86 4.52
CA TRP A 32 10.64 11.24 3.44
C TRP A 32 10.40 12.72 3.49
N GLU A 33 10.70 13.42 2.40
N GLU A 33 10.75 13.43 2.41
CA GLU A 33 10.47 14.85 2.31
CA GLU A 33 10.50 14.86 2.27
C GLU A 33 9.28 15.11 1.36
C GLU A 33 9.26 15.07 1.39
N PRO A 34 8.41 16.07 1.70
CA PRO A 34 7.28 16.39 0.81
C PRO A 34 7.79 16.84 -0.52
N PHE A 35 7.18 16.33 -1.56
CA PHE A 35 7.63 16.61 -2.88
C PHE A 35 6.54 17.33 -3.62
N ALA A 36 5.31 16.79 -3.59
CA ALA A 36 4.17 17.44 -4.26
C ALA A 36 2.84 16.93 -3.74
N SER A 37 1.75 17.65 -3.99
CA SER A 37 0.42 17.20 -3.66
C SER A 37 -0.64 17.94 -4.40
N GLY A 38 -1.83 17.36 -4.40
CA GLY A 38 -2.91 17.91 -5.17
C GLY A 38 -4.12 17.05 -4.92
N LYS A 39 -5.17 17.33 -5.68
CA LYS A 39 -6.44 16.63 -5.58
C LYS A 39 -6.82 16.14 -6.95
N THR A 40 -7.56 15.04 -7.01
CA THR A 40 -7.87 14.51 -8.32
C THR A 40 -9.02 15.29 -8.96
N SER A 41 -8.94 15.47 -10.28
CA SER A 41 -9.94 16.16 -11.07
C SER A 41 -11.18 15.29 -11.25
N GLU A 42 -12.21 15.81 -11.92
CA GLU A 42 -13.40 15.01 -12.32
C GLU A 42 -13.13 13.74 -13.15
N SER A 43 -12.02 13.70 -13.87
CA SER A 43 -11.64 12.51 -14.61
C SER A 43 -10.66 11.69 -13.81
N GLY A 44 -10.52 11.95 -12.51
CA GLY A 44 -9.59 11.21 -11.65
C GLY A 44 -8.09 11.37 -11.87
N GLU A 45 -7.67 12.30 -12.72
CA GLU A 45 -6.26 12.52 -13.06
C GLU A 45 -5.71 13.64 -12.15
N LEU A 46 -4.46 13.53 -11.75
CA LEU A 46 -3.76 14.62 -11.13
C LEU A 46 -2.44 14.73 -11.82
N HIS A 47 -2.21 15.90 -12.41
CA HIS A 47 -0.91 16.21 -13.00
C HIS A 47 -0.59 17.65 -12.70
N GLY A 48 0.61 18.07 -13.08
CA GLY A 48 1.14 19.38 -12.70
C GLY A 48 1.78 19.34 -11.33
N LEU A 49 2.17 18.14 -10.90
CA LEU A 49 2.85 17.93 -9.62
C LEU A 49 4.31 18.35 -9.67
N THR A 50 4.92 18.20 -10.83
CA THR A 50 6.30 18.56 -11.03
C THR A 50 6.66 18.73 -12.49
N THR A 51 7.71 19.51 -12.68
CA THR A 51 8.34 19.70 -13.96
C THR A 51 9.36 18.62 -14.18
N GLU A 52 9.73 18.47 -15.44
CA GLU A 52 10.77 17.54 -15.85
C GLU A 52 12.07 17.80 -15.10
N GLU A 53 12.45 19.06 -14.94
CA GLU A 53 13.75 19.37 -14.37
C GLU A 53 13.76 19.19 -12.86
N GLU A 54 12.60 19.28 -12.20
CA GLU A 54 12.50 19.03 -10.76
C GLU A 54 12.19 17.58 -10.35
N PHE A 55 11.83 16.73 -11.30
CA PHE A 55 11.62 15.32 -11.02
C PHE A 55 12.87 14.56 -11.35
N VAL A 56 13.81 14.64 -10.43
CA VAL A 56 15.10 14.01 -10.54
C VAL A 56 15.04 12.53 -10.17
N GLU A 57 16.11 11.83 -10.49
CA GLU A 57 16.34 10.47 -10.04
C GLU A 57 16.08 10.38 -8.52
N GLY A 58 15.52 9.25 -8.07
CA GLY A 58 15.29 9.00 -6.65
C GLY A 58 14.18 8.02 -6.35
N ILE A 59 13.78 7.95 -5.08
CA ILE A 59 12.74 7.06 -4.62
C ILE A 59 11.58 7.91 -4.08
N TYR A 60 10.38 7.63 -4.59
CA TYR A 60 9.21 8.48 -4.36
C TYR A 60 8.08 7.66 -3.87
N LYS A 61 7.26 8.30 -3.06
CA LYS A 61 6.13 7.66 -2.42
C LYS A 61 4.86 8.48 -2.65
N VAL A 62 3.81 7.81 -3.12
CA VAL A 62 2.50 8.44 -3.41
C VAL A 62 1.52 7.92 -2.40
N GLU A 63 1.01 8.79 -1.53
CA GLU A 63 -0.05 8.45 -0.56
C GLU A 63 -1.34 9.00 -1.10
N ILE A 64 -2.33 8.16 -1.34
CA ILE A 64 -3.64 8.61 -1.79
C ILE A 64 -4.55 8.50 -0.60
N ASP A 65 -5.25 9.56 -0.24
CA ASP A 65 -6.03 9.55 1.01
C ASP A 65 -7.45 9.08 0.71
N THR A 66 -7.62 7.77 0.84
CA THR A 66 -8.82 7.04 0.45
C THR A 66 -9.87 6.90 1.60
N LYS A 67 -9.41 6.90 2.87
CA LYS A 67 -10.31 6.86 4.02
C LYS A 67 -11.36 7.97 3.97
N SER A 68 -10.89 9.20 3.83
CA SER A 68 -11.77 10.38 3.67
C SER A 68 -12.67 10.29 2.42
N TYR A 69 -12.13 9.64 1.36
CA TYR A 69 -12.86 9.44 0.11
C TYR A 69 -14.06 8.56 0.35
N TRP A 70 -13.83 7.42 0.98
CA TRP A 70 -14.94 6.50 1.25
C TRP A 70 -15.88 7.02 2.32
N LYS A 71 -15.34 7.61 3.38
CA LYS A 71 -16.17 8.21 4.41
C LYS A 71 -17.11 9.29 3.84
N ALA A 72 -16.61 10.15 2.93
CA ALA A 72 -17.48 11.14 2.24
C ALA A 72 -18.65 10.52 1.53
N LEU A 73 -18.47 9.29 1.01
CA LEU A 73 -19.56 8.52 0.42
C LEU A 73 -20.32 7.65 1.41
N GLY A 74 -20.12 7.84 2.73
CA GLY A 74 -20.79 7.07 3.79
C GLY A 74 -20.42 5.59 3.84
N ILE A 75 -19.16 5.29 3.53
CA ILE A 75 -18.60 3.94 3.61
C ILE A 75 -17.40 3.94 4.56
N SER A 76 -17.42 3.08 5.57
CA SER A 76 -16.29 2.89 6.46
C SER A 76 -15.32 1.92 5.82
N PRO A 77 -14.25 2.44 5.20
CA PRO A 77 -13.34 1.57 4.46
C PRO A 77 -12.36 0.87 5.37
N PHE A 78 -11.60 -0.05 4.81
CA PHE A 78 -10.69 -0.85 5.58
C PHE A 78 -9.34 -0.12 5.74
N HIS A 79 -8.77 0.31 4.62
CA HIS A 79 -7.42 0.95 4.57
C HIS A 79 -7.45 2.41 4.97
N GLU A 80 -6.32 2.91 5.40
CA GLU A 80 -6.19 4.35 5.59
C GLU A 80 -5.85 5.06 4.27
N HIS A 81 -4.94 4.48 3.51
CA HIS A 81 -4.40 5.03 2.30
C HIS A 81 -4.34 3.95 1.29
N ALA A 82 -4.14 4.37 0.07
CA ALA A 82 -3.48 3.57 -0.93
C ALA A 82 -2.10 4.19 -1.06
N GLU A 83 -1.08 3.35 -1.14
CA GLU A 83 0.26 3.86 -1.35
C GLU A 83 0.91 3.11 -2.43
N VAL A 84 1.91 3.74 -3.00
CA VAL A 84 2.87 2.98 -3.77
C VAL A 84 4.22 3.66 -3.68
N VAL A 85 5.26 2.85 -3.78
CA VAL A 85 6.63 3.32 -3.78
C VAL A 85 7.31 2.89 -5.07
N PHE A 86 7.99 3.83 -5.69
CA PHE A 86 8.69 3.55 -6.93
C PHE A 86 9.97 4.34 -7.02
N THR A 87 10.80 3.92 -7.96
CA THR A 87 12.10 4.49 -8.20
C THR A 87 12.08 5.12 -9.57
N ALA A 88 12.43 6.40 -9.64
CA ALA A 88 12.82 7.05 -10.87
C ALA A 88 14.32 6.84 -11.04
N ASN A 89 14.71 6.27 -12.18
CA ASN A 89 16.10 6.22 -12.61
C ASN A 89 16.37 7.48 -13.38
N ASP A 90 17.61 7.95 -13.26
CA ASP A 90 18.12 8.91 -14.19
C ASP A 90 18.28 8.08 -15.46
N SER A 91 17.33 8.28 -16.33
CA SER A 91 17.40 7.85 -17.70
C SER A 91 16.96 9.10 -18.48
N GLY A 92 16.53 8.92 -19.71
CA GLY A 92 16.03 10.06 -20.49
C GLY A 92 14.76 10.64 -19.87
N PRO A 93 14.11 11.56 -20.60
CA PRO A 93 12.80 12.04 -20.14
C PRO A 93 11.77 10.91 -20.26
N ARG A 94 11.14 10.55 -19.14
CA ARG A 94 10.19 9.46 -19.10
C ARG A 94 8.92 9.86 -18.34
N ARG A 95 7.75 9.44 -18.83
N ARG A 95 7.77 9.36 -18.81
CA ARG A 95 6.49 9.70 -18.12
CA ARG A 95 6.46 9.62 -18.21
C ARG A 95 6.19 8.55 -17.15
C ARG A 95 6.20 8.53 -17.15
N TYR A 96 5.94 8.91 -15.91
CA TYR A 96 5.57 7.96 -14.86
C TYR A 96 4.07 8.17 -14.61
N THR A 97 3.27 7.10 -14.75
CA THR A 97 1.84 7.13 -14.40
C THR A 97 1.66 6.18 -13.26
N ILE A 98 1.07 6.69 -12.17
CA ILE A 98 0.66 5.90 -11.05
C ILE A 98 -0.84 5.74 -11.16
N ALA A 99 -1.29 4.50 -11.29
CA ALA A 99 -2.72 4.19 -11.42
C ALA A 99 -3.12 3.48 -10.12
N ALA A 100 -4.32 3.77 -9.65
CA ALA A 100 -4.84 3.23 -8.42
C ALA A 100 -6.27 2.81 -8.69
N LEU A 101 -6.64 1.62 -8.21
CA LEU A 101 -7.98 1.05 -8.36
C LEU A 101 -8.50 0.81 -6.98
N LEU A 102 -9.64 1.37 -6.62
CA LEU A 102 -10.06 1.41 -5.21
C LEU A 102 -11.40 0.73 -4.93
N SER A 103 -11.41 -0.10 -3.90
N SER A 103 -11.41 -0.14 -3.91
CA SER A 103 -12.62 -0.62 -3.26
CA SER A 103 -12.65 -0.61 -3.28
C SER A 103 -12.49 -0.34 -1.76
C SER A 103 -12.50 -0.34 -1.79
N PRO A 104 -13.60 -0.44 -1.03
CA PRO A 104 -13.51 -0.28 0.41
C PRO A 104 -12.56 -1.23 1.12
N TYR A 105 -12.42 -2.47 0.63
CA TYR A 105 -11.57 -3.52 1.23
C TYR A 105 -10.45 -4.05 0.36
N SER A 106 -10.30 -3.49 -0.83
CA SER A 106 -9.23 -3.90 -1.71
C SER A 106 -8.77 -2.74 -2.57
N TYR A 107 -7.47 -2.70 -2.87
CA TYR A 107 -6.96 -1.67 -3.75
C TYR A 107 -5.69 -2.16 -4.42
N SER A 108 -5.40 -1.62 -5.59
CA SER A 108 -4.20 -1.99 -6.31
C SER A 108 -3.52 -0.74 -6.83
N THR A 109 -2.20 -0.76 -6.89
CA THR A 109 -1.43 0.37 -7.38
C THR A 109 -0.47 -0.14 -8.42
N THR A 110 -0.21 0.66 -9.45
CA THR A 110 0.68 0.24 -10.50
C THR A 110 1.43 1.46 -10.96
N ALA A 111 2.73 1.28 -11.21
CA ALA A 111 3.54 2.35 -11.81
C ALA A 111 3.88 1.96 -13.24
N VAL A 112 3.53 2.83 -14.17
CA VAL A 112 3.68 2.60 -15.59
C VAL A 112 4.68 3.62 -16.07
N VAL A 113 5.67 3.17 -16.85
CA VAL A 113 6.69 4.06 -17.37
C VAL A 113 6.62 4.07 -18.90
N THR A 114 6.52 5.26 -19.50
CA THR A 114 6.53 5.44 -20.96
C THR A 114 7.48 6.56 -21.43
N ASN A 115 7.51 6.85 -22.74
CA ASN A 115 8.13 8.07 -23.31
C ASN A 115 7.06 8.87 -24.02
N PRO A 116 7.09 10.21 -23.94
CA PRO A 116 6.00 10.97 -24.55
C PRO A 116 6.20 11.17 -26.06
N CYS B 1 -7.06 -18.15 15.38
CA CYS B 1 -6.27 -17.05 14.70
C CYS B 1 -7.19 -15.97 14.21
N PRO B 2 -7.26 -14.85 14.93
CA PRO B 2 -8.08 -13.78 14.42
C PRO B 2 -7.40 -12.95 13.30
N LEU B 3 -6.09 -13.11 13.11
CA LEU B 3 -5.38 -12.29 12.14
C LEU B 3 -4.45 -13.15 11.28
N MET B 4 -4.82 -13.33 10.00
CA MET B 4 -4.02 -14.06 9.02
C MET B 4 -3.44 -13.09 8.02
N VAL B 5 -2.24 -13.38 7.55
CA VAL B 5 -1.60 -12.63 6.47
C VAL B 5 -1.11 -13.60 5.38
N LYS B 6 -1.46 -13.35 4.13
CA LYS B 6 -1.03 -14.13 2.96
C LYS B 6 -0.24 -13.18 2.07
N VAL B 7 0.79 -13.68 1.42
CA VAL B 7 1.52 -12.95 0.42
C VAL B 7 1.78 -13.87 -0.79
N LEU B 8 1.44 -13.35 -1.99
CA LEU B 8 1.48 -14.08 -3.23
C LEU B 8 2.22 -13.30 -4.27
N ASP B 9 2.84 -14.03 -5.18
CA ASP B 9 3.60 -13.51 -6.30
C ASP B 9 2.79 -13.69 -7.59
N ALA B 10 2.42 -12.56 -8.21
CA ALA B 10 1.58 -12.54 -9.40
C ALA B 10 2.29 -12.94 -10.68
N VAL B 11 3.62 -12.93 -10.65
CA VAL B 11 4.42 -13.29 -11.81
C VAL B 11 4.54 -14.80 -11.90
N ARG B 12 4.97 -15.41 -10.80
CA ARG B 12 5.11 -16.86 -10.67
C ARG B 12 3.83 -17.62 -10.32
N GLY B 13 2.77 -16.92 -9.89
CA GLY B 13 1.58 -17.58 -9.37
C GLY B 13 1.85 -18.52 -8.18
N SER B 14 2.81 -18.16 -7.34
CA SER B 14 3.20 -19.00 -6.24
C SER B 14 3.05 -18.23 -4.93
N PRO B 15 2.96 -18.95 -3.81
CA PRO B 15 3.01 -18.31 -2.49
C PRO B 15 4.37 -17.69 -2.22
N ALA B 16 4.41 -16.52 -1.60
CA ALA B 16 5.71 -15.92 -1.22
C ALA B 16 6.20 -16.44 0.15
N ILE B 17 7.31 -17.16 0.16
CA ILE B 17 7.84 -17.82 1.37
C ILE B 17 8.88 -16.93 2.08
N ASN B 18 8.87 -16.96 3.41
CA ASN B 18 9.85 -16.24 4.26
C ASN B 18 9.71 -14.73 4.17
N VAL B 19 8.50 -14.26 3.92
CA VAL B 19 8.28 -12.81 3.97
C VAL B 19 8.24 -12.49 5.45
N ALA B 20 9.03 -11.52 5.87
CA ALA B 20 8.99 -11.04 7.25
C ALA B 20 7.75 -10.15 7.44
N VAL B 21 6.99 -10.38 8.50
CA VAL B 21 5.76 -9.59 8.81
C VAL B 21 5.83 -9.00 10.20
N HIS B 22 5.65 -7.71 10.32
CA HIS B 22 5.65 -7.06 11.61
C HIS B 22 4.33 -6.36 11.78
N VAL B 23 3.62 -6.70 12.85
CA VAL B 23 2.40 -6.03 13.28
C VAL B 23 2.62 -5.11 14.49
N PHE B 24 2.15 -3.88 14.36
CA PHE B 24 2.15 -2.86 15.43
C PHE B 24 0.72 -2.48 15.83
N ARG B 25 0.59 -1.95 17.04
CA ARG B 25 -0.68 -1.38 17.51
C ARG B 25 -0.49 0.08 17.96
N LYS B 26 -1.44 0.94 17.60
CA LYS B 26 -1.38 2.34 18.01
C LYS B 26 -1.61 2.41 19.50
N ALA B 27 -0.66 3.00 20.20
CA ALA B 27 -0.68 3.09 21.65
C ALA B 27 -1.18 4.47 22.09
N ALA B 28 -1.53 4.54 23.38
CA ALA B 28 -2.24 5.68 23.99
C ALA B 28 -1.64 7.07 23.72
N ASP B 29 -0.31 7.16 23.70
CA ASP B 29 0.38 8.44 23.47
C ASP B 29 0.77 8.70 22.01
N ASP B 30 0.01 8.12 21.08
CA ASP B 30 0.13 8.43 19.65
C ASP B 30 1.43 7.88 19.02
N THR B 31 1.78 6.64 19.40
CA THR B 31 2.95 5.92 18.86
C THR B 31 2.64 4.43 18.62
N TRP B 32 3.51 3.76 17.89
CA TRP B 32 3.29 2.39 17.48
C TRP B 32 4.01 1.43 18.41
N GLU B 33 3.24 0.71 19.23
CA GLU B 33 3.78 -0.35 20.05
C GLU B 33 3.86 -1.63 19.21
N PRO B 34 4.99 -2.37 19.29
CA PRO B 34 5.07 -3.72 18.72
C PRO B 34 4.00 -4.65 19.25
N PHE B 35 3.53 -5.55 18.41
CA PHE B 35 2.39 -6.37 18.76
C PHE B 35 2.69 -7.81 18.38
N ALA B 36 2.94 -8.08 17.11
CA ALA B 36 3.26 -9.49 16.67
C ALA B 36 4.20 -9.53 15.46
N SER B 37 4.79 -10.69 15.18
CA SER B 37 5.70 -10.78 14.04
C SER B 37 5.98 -12.22 13.73
N GLY B 38 6.37 -12.44 12.50
CA GLY B 38 6.53 -13.78 11.99
C GLY B 38 7.04 -13.78 10.56
N LYS B 39 7.28 -14.98 10.04
CA LYS B 39 7.59 -15.19 8.63
C LYS B 39 6.50 -16.06 7.94
N THR B 40 6.16 -15.75 6.69
CA THR B 40 5.24 -16.60 5.96
C THR B 40 5.87 -17.96 5.66
N SER B 41 5.00 -18.93 5.45
CA SER B 41 5.35 -20.35 5.34
C SER B 41 5.53 -20.74 3.86
N GLU B 42 5.70 -22.03 3.58
CA GLU B 42 5.67 -22.61 2.20
C GLU B 42 4.38 -22.21 1.47
N SER B 43 3.27 -22.20 2.19
CA SER B 43 2.01 -21.84 1.58
C SER B 43 1.79 -20.33 1.52
N GLY B 44 2.78 -19.52 1.91
CA GLY B 44 2.66 -18.06 1.90
C GLY B 44 1.79 -17.43 3.00
N GLU B 45 1.28 -18.23 3.94
CA GLU B 45 0.34 -17.82 4.98
C GLU B 45 1.14 -17.59 6.26
N LEU B 46 0.63 -16.73 7.13
CA LEU B 46 1.14 -16.59 8.48
C LEU B 46 -0.05 -16.35 9.36
N HIS B 47 -0.28 -17.26 10.29
CA HIS B 47 -1.18 -17.00 11.41
C HIS B 47 -0.48 -17.50 12.66
N GLY B 48 -1.17 -17.46 13.79
CA GLY B 48 -0.51 -17.68 15.08
C GLY B 48 0.14 -16.40 15.55
N LEU B 49 -0.14 -15.27 14.88
CA LEU B 49 0.29 -13.94 15.31
C LEU B 49 -0.28 -13.50 16.65
N THR B 50 -1.54 -13.78 16.88
CA THR B 50 -2.16 -13.33 18.09
C THR B 50 -3.33 -14.22 18.43
N THR B 51 -3.97 -13.88 19.54
CA THR B 51 -5.10 -14.63 20.05
C THR B 51 -6.15 -13.61 20.20
N GLU B 52 -7.40 -14.06 20.27
CA GLU B 52 -8.52 -13.14 20.51
C GLU B 52 -8.41 -12.39 21.82
N GLU B 53 -7.77 -12.98 22.82
CA GLU B 53 -7.56 -12.30 24.08
C GLU B 53 -6.56 -11.13 23.96
N GLU B 54 -5.57 -11.21 23.08
CA GLU B 54 -4.64 -10.12 22.94
C GLU B 54 -5.04 -9.18 21.83
N PHE B 55 -5.93 -9.63 20.95
CA PHE B 55 -6.29 -8.84 19.78
C PHE B 55 -7.49 -7.97 20.04
N VAL B 56 -7.31 -7.05 20.96
CA VAL B 56 -8.35 -6.10 21.38
C VAL B 56 -8.67 -5.07 20.27
N GLU B 57 -9.75 -4.28 20.42
CA GLU B 57 -9.99 -3.17 19.47
C GLU B 57 -8.85 -2.16 19.49
N GLY B 58 -8.57 -1.59 18.33
CA GLY B 58 -7.50 -0.60 18.23
C GLY B 58 -7.10 -0.38 16.78
N ILE B 59 -5.98 0.31 16.59
CA ILE B 59 -5.49 0.60 15.28
C ILE B 59 -4.17 -0.14 15.08
N TYR B 60 -4.12 -0.96 14.05
CA TYR B 60 -3.00 -1.81 13.80
C TYR B 60 -2.39 -1.52 12.49
N LYS B 61 -1.08 -1.68 12.42
CA LYS B 61 -0.29 -1.50 11.21
C LYS B 61 0.35 -2.86 10.91
N VAL B 62 0.20 -3.33 9.68
CA VAL B 62 0.81 -4.60 9.25
C VAL B 62 1.87 -4.31 8.20
N GLU B 63 3.13 -4.61 8.49
CA GLU B 63 4.25 -4.31 7.59
C GLU B 63 4.79 -5.62 7.06
N ILE B 64 5.11 -5.71 5.76
CA ILE B 64 5.86 -6.87 5.24
C ILE B 64 7.20 -6.45 4.67
N ASP B 65 8.18 -7.34 4.73
CA ASP B 65 9.48 -7.18 4.04
C ASP B 65 9.73 -8.48 3.28
N THR B 66 9.84 -8.32 1.96
CA THR B 66 9.95 -9.42 1.03
C THR B 66 11.38 -9.71 0.55
N LYS B 67 12.38 -9.15 1.23
CA LYS B 67 13.81 -9.36 0.91
C LYS B 67 14.25 -10.83 0.81
N SER B 68 13.86 -11.68 1.76
CA SER B 68 14.27 -13.10 1.75
C SER B 68 13.68 -13.87 0.57
N TYR B 69 12.44 -13.50 0.19
CA TYR B 69 11.77 -14.15 -0.94
C TYR B 69 12.46 -13.89 -2.27
N TRP B 70 12.72 -12.63 -2.58
CA TRP B 70 13.41 -12.26 -3.81
C TRP B 70 14.85 -12.76 -3.82
N LYS B 71 15.52 -12.72 -2.68
CA LYS B 71 16.91 -13.19 -2.57
C LYS B 71 16.99 -14.61 -3.04
N ALA B 72 16.11 -15.47 -2.54
CA ALA B 72 16.16 -16.92 -2.82
C ALA B 72 15.79 -17.27 -4.27
N LEU B 73 15.12 -16.34 -4.96
CA LEU B 73 14.88 -16.40 -6.40
C LEU B 73 16.05 -15.88 -7.27
N GLY B 74 17.10 -15.34 -6.67
CA GLY B 74 18.15 -14.62 -7.39
C GLY B 74 17.68 -13.31 -8.01
N ILE B 75 16.74 -12.65 -7.35
CA ILE B 75 16.18 -11.39 -7.85
C ILE B 75 16.74 -10.32 -6.97
N SER B 76 17.17 -9.24 -7.60
CA SER B 76 17.61 -8.03 -6.92
C SER B 76 16.36 -7.14 -6.98
N PRO B 77 15.63 -7.06 -5.87
CA PRO B 77 14.34 -6.36 -5.97
C PRO B 77 14.57 -4.86 -5.95
N PHE B 78 13.66 -4.12 -6.57
CA PHE B 78 13.75 -2.66 -6.52
C PHE B 78 13.24 -2.16 -5.16
N HIS B 79 11.98 -2.48 -4.86
CA HIS B 79 11.32 -2.11 -3.61
C HIS B 79 11.07 -3.44 -2.90
N GLU B 80 10.95 -3.43 -1.58
CA GLU B 80 10.61 -4.65 -0.84
C GLU B 80 9.77 -4.51 0.47
N HIS B 81 9.25 -3.33 0.79
CA HIS B 81 8.34 -3.14 1.91
C HIS B 81 6.91 -2.80 1.44
N ALA B 82 5.93 -3.25 2.19
CA ALA B 82 4.57 -2.78 1.99
C ALA B 82 3.89 -2.64 3.35
N GLU B 83 2.86 -1.80 3.46
CA GLU B 83 2.14 -1.65 4.73
C GLU B 83 0.67 -1.34 4.58
N VAL B 84 -0.16 -1.88 5.46
CA VAL B 84 -1.55 -1.42 5.60
C VAL B 84 -1.81 -0.91 7.03
N VAL B 85 -2.71 0.05 7.18
CA VAL B 85 -3.20 0.43 8.48
C VAL B 85 -4.72 0.34 8.45
N PHE B 86 -5.24 -0.36 9.46
CA PHE B 86 -6.65 -0.50 9.69
C PHE B 86 -7.02 -0.50 11.18
N THR B 87 -8.32 -0.37 11.42
CA THR B 87 -8.94 -0.41 12.74
C THR B 87 -9.55 -1.79 12.89
N ALA B 88 -9.27 -2.46 14.00
CA ALA B 88 -9.75 -3.76 14.27
C ALA B 88 -10.80 -3.75 15.41
N ASN B 89 -11.69 -4.76 15.34
CA ASN B 89 -12.57 -5.25 16.41
C ASN B 89 -13.48 -4.15 17.00
N ASP B 90 -13.80 -3.17 16.16
CA ASP B 90 -14.53 -2.00 16.61
C ASP B 90 -16.00 -2.39 16.86
N SER B 91 -16.53 -3.26 16.01
CA SER B 91 -17.84 -3.88 16.19
C SER B 91 -17.69 -5.18 17.00
N GLY B 92 -16.81 -5.20 17.99
CA GLY B 92 -16.50 -6.45 18.67
C GLY B 92 -15.66 -7.35 17.78
N PRO B 93 -15.40 -8.57 18.23
CA PRO B 93 -14.41 -9.43 17.61
C PRO B 93 -14.72 -9.93 16.15
N ARG B 94 -13.75 -9.75 15.25
CA ARG B 94 -13.78 -10.25 13.88
C ARG B 94 -12.48 -10.95 13.54
N ARG B 95 -12.52 -11.81 12.53
CA ARG B 95 -11.29 -12.41 12.00
C ARG B 95 -10.89 -11.64 10.77
N TYR B 96 -9.62 -11.25 10.71
CA TYR B 96 -9.08 -10.54 9.57
C TYR B 96 -8.10 -11.37 8.76
N THR B 97 -8.33 -11.43 7.45
CA THR B 97 -7.34 -11.96 6.54
C THR B 97 -6.86 -10.84 5.63
N ILE B 98 -5.55 -10.70 5.53
CA ILE B 98 -4.93 -9.66 4.74
C ILE B 98 -4.02 -10.30 3.71
N ALA B 99 -4.35 -10.11 2.45
CA ALA B 99 -3.66 -10.76 1.37
C ALA B 99 -2.99 -9.69 0.54
N ALA B 100 -1.76 -9.96 0.14
CA ALA B 100 -0.99 -9.06 -0.70
C ALA B 100 -0.49 -9.78 -1.97
N LEU B 101 -0.55 -9.10 -3.10
CA LEU B 101 -0.28 -9.70 -4.37
C LEU B 101 0.84 -8.88 -4.96
N LEU B 102 1.96 -9.52 -5.29
CA LEU B 102 3.19 -8.82 -5.69
C LEU B 102 3.46 -8.93 -7.17
N SER B 103 3.84 -7.81 -7.80
CA SER B 103 4.49 -7.77 -9.12
C SER B 103 5.57 -6.69 -9.02
N PRO B 104 6.55 -6.69 -9.93
CA PRO B 104 7.63 -5.70 -9.74
C PRO B 104 7.17 -4.23 -9.78
N TYR B 105 6.09 -3.97 -10.53
CA TYR B 105 5.49 -2.65 -10.76
C TYR B 105 4.05 -2.54 -10.30
N SER B 106 3.55 -3.49 -9.53
CA SER B 106 2.17 -3.45 -9.10
C SER B 106 2.02 -4.16 -7.80
N TYR B 107 1.18 -3.58 -6.96
CA TYR B 107 0.92 -4.10 -5.65
C TYR B 107 -0.60 -4.08 -5.49
N SER B 108 -1.16 -5.19 -5.02
N SER B 108 -1.14 -5.17 -4.97
CA SER B 108 -2.58 -5.24 -4.67
CA SER B 108 -2.55 -5.24 -4.65
C SER B 108 -2.71 -5.84 -3.28
C SER B 108 -2.68 -5.82 -3.26
N THR B 109 -3.74 -5.41 -2.56
CA THR B 109 -3.98 -5.89 -1.20
C THR B 109 -5.47 -5.89 -0.87
N THR B 110 -5.89 -6.97 -0.24
CA THR B 110 -7.29 -7.22 0.00
C THR B 110 -7.45 -7.64 1.43
N ALA B 111 -8.57 -7.27 2.02
CA ALA B 111 -8.85 -7.64 3.38
C ALA B 111 -10.16 -8.37 3.35
N VAL B 112 -10.18 -9.54 3.96
CA VAL B 112 -11.44 -10.21 4.18
C VAL B 112 -11.67 -10.25 5.67
N VAL B 113 -12.88 -9.87 6.04
CA VAL B 113 -13.30 -9.78 7.42
C VAL B 113 -14.49 -10.71 7.57
N THR B 114 -14.38 -11.64 8.52
CA THR B 114 -15.39 -12.66 8.81
C THR B 114 -15.66 -12.75 10.31
N ASN B 115 -16.77 -13.40 10.65
CA ASN B 115 -17.33 -13.45 12.01
C ASN B 115 -16.93 -14.78 12.70
N PRO B 116 -16.20 -14.71 13.84
CA PRO B 116 -15.72 -15.95 14.44
C PRO B 116 -16.85 -16.69 15.17
#